data_4MHR
#
_entry.id   4MHR
#
_cell.length_a   83.484
_cell.length_b   86.516
_cell.length_c   95.348
_cell.angle_alpha   90.00
_cell.angle_beta   90.00
_cell.angle_gamma   90.00
#
_symmetry.space_group_name_H-M   'C 2 2 21'
#
loop_
_entity.id
_entity.type
_entity.pdbx_description
1 polymer 'Ectoine hydroxylase'
2 water water
#
_entity_poly.entity_id   1
_entity_poly.type   'polypeptide(L)'
_entity_poly.pdbx_seq_one_letter_code
;HHHHHHSEMQDLYPSRQRADAEMRPRLDPVVHSEWTNDAPISARQAAAFDRDGYIVLEDIFSADEVAFLQKAAGNLLADP
AALDADTIVTEPQSNEIRSIFEIHAQSPVMARLAADARLADVARFLLGDEVYIHQSRLNYKPGFKGREFYWHSDFETWHV
EDGMPRMRALSMSVLLAENTPHNGPLMVIPGSHRTYLTCVGETPDDHYLSSLKKQEYGVPDEESLAELAHRHGIVAPTGK
PGTVILFDCNLMHGSNGNITPFPRANAFLVYNAVSNRLEKPFGVEKPRPWFLARRGEPAALRVERGPLVETVPA
;
_entity_poly.pdbx_strand_id   A
#
# COMPACT_ATOMS: atom_id res chain seq x y z
N GLN A 10 -3.70 18.75 -18.13
CA GLN A 10 -4.95 18.01 -17.76
C GLN A 10 -4.70 16.51 -17.46
N ASP A 11 -3.79 15.84 -18.19
CA ASP A 11 -3.37 14.46 -17.82
C ASP A 11 -1.89 14.37 -17.83
N LEU A 12 -1.30 14.46 -16.63
CA LEU A 12 0.17 14.34 -16.46
C LEU A 12 0.68 12.95 -16.67
N TYR A 13 -0.22 11.98 -16.50
CA TYR A 13 0.18 10.58 -16.55
C TYR A 13 -0.75 9.66 -17.44
N PRO A 14 -0.82 9.90 -18.78
CA PRO A 14 -1.67 9.06 -19.69
C PRO A 14 -1.24 7.64 -19.78
N SER A 15 -2.15 6.70 -19.67
CA SER A 15 -1.78 5.31 -19.80
C SER A 15 -2.95 4.57 -20.44
N ARG A 16 -2.67 3.35 -20.91
CA ARG A 16 -3.67 2.52 -21.58
C ARG A 16 -4.34 3.18 -22.81
N GLN A 17 -3.63 4.07 -23.48
CA GLN A 17 -4.16 4.78 -24.65
C GLN A 17 -3.50 4.20 -25.90
N ARG A 18 -2.18 4.13 -25.93
CA ARG A 18 -1.46 3.51 -27.04
C ARG A 18 -1.36 1.99 -26.95
N ALA A 19 -0.89 1.42 -28.06
CA ALA A 19 -0.59 0.00 -28.14
C ALA A 19 0.87 -0.22 -27.80
N ASP A 20 1.70 0.84 -27.79
CA ASP A 20 3.05 0.75 -27.27
C ASP A 20 3.19 1.37 -25.88
N ALA A 21 4.04 0.80 -25.03
CA ALA A 21 4.31 1.35 -23.69
C ALA A 21 5.49 2.31 -23.68
N GLU A 22 5.50 3.24 -22.72
CA GLU A 22 6.63 4.15 -22.52
C GLU A 22 7.00 4.35 -21.04
N MET A 23 8.23 4.77 -20.84
CA MET A 23 8.77 5.19 -19.57
C MET A 23 8.72 6.73 -19.54
N ARG A 24 7.77 7.29 -18.81
CA ARG A 24 7.64 8.76 -18.71
C ARG A 24 8.14 9.24 -17.37
N PRO A 25 8.50 10.52 -17.29
CA PRO A 25 9.01 11.03 -16.04
C PRO A 25 7.92 11.26 -14.96
N ARG A 26 8.32 11.08 -13.71
CA ARG A 26 7.55 11.50 -12.58
C ARG A 26 7.64 13.01 -12.63
N LEU A 27 6.48 13.59 -12.43
CA LEU A 27 6.39 15.06 -12.40
C LEU A 27 5.95 15.62 -11.03
N ASP A 28 5.95 14.78 -10.01
CA ASP A 28 5.56 15.15 -8.63
C ASP A 28 6.74 14.90 -7.69
N PRO A 29 6.84 15.65 -6.57
CA PRO A 29 7.79 15.21 -5.56
C PRO A 29 7.53 13.77 -5.03
N VAL A 30 8.55 13.19 -4.43
CA VAL A 30 8.40 11.95 -3.64
C VAL A 30 8.08 12.31 -2.17
N VAL A 31 8.94 13.12 -1.55
CA VAL A 31 8.74 13.60 -0.20
C VAL A 31 8.19 15.05 -0.42
N HIS A 32 6.99 15.29 0.08
CA HIS A 32 6.29 16.54 -0.19
C HIS A 32 6.44 17.62 0.91
N SER A 33 7.42 17.43 1.79
CA SER A 33 7.65 18.41 2.89
C SER A 33 9.12 18.70 2.92
N GLU A 34 9.50 19.90 3.36
CA GLU A 34 10.90 20.15 3.80
C GLU A 34 11.13 19.30 5.05
N TRP A 35 12.30 18.71 5.19
CA TRP A 35 12.62 18.02 6.40
C TRP A 35 13.07 19.01 7.46
N THR A 36 12.56 18.87 8.68
CA THR A 36 13.08 19.66 9.86
C THR A 36 13.14 18.79 11.10
N ASN A 37 13.78 19.28 12.16
CA ASN A 37 13.93 18.55 13.44
C ASN A 37 12.57 18.09 13.98
N ASP A 38 11.52 18.81 13.65
CA ASP A 38 10.19 18.42 14.03
C ASP A 38 9.61 17.28 13.19
N ALA A 39 10.25 16.85 12.11
CA ALA A 39 9.67 15.75 11.34
C ALA A 39 9.60 14.46 12.16
N PRO A 40 8.63 13.57 11.87
CA PRO A 40 8.49 12.28 12.53
C PRO A 40 9.45 11.21 12.06
N ILE A 41 10.31 11.48 11.09
CA ILE A 41 11.35 10.54 10.71
C ILE A 41 12.66 11.31 10.59
N SER A 42 13.78 10.61 10.53
CA SER A 42 15.06 11.26 10.52
C SER A 42 15.33 11.80 9.12
N ALA A 43 16.40 12.59 8.97
CA ALA A 43 16.66 13.22 7.67
C ALA A 43 17.09 12.11 6.71
N ARG A 44 17.77 11.13 7.23
CA ARG A 44 18.12 9.98 6.40
C ARG A 44 16.94 9.10 5.96
N GLN A 45 16.03 8.81 6.87
CA GLN A 45 14.83 8.10 6.49
C GLN A 45 14.10 8.82 5.38
N ALA A 46 13.98 10.14 5.46
CA ALA A 46 13.23 10.93 4.49
C ALA A 46 13.98 10.80 3.11
N ALA A 47 15.32 10.90 3.13
CA ALA A 47 16.16 10.75 1.90
C ALA A 47 16.09 9.37 1.31
N ALA A 48 16.09 8.34 2.15
CA ALA A 48 15.89 6.97 1.70
C ALA A 48 14.51 6.76 1.00
N PHE A 49 13.43 7.31 1.58
CA PHE A 49 12.08 7.22 0.99
C PHE A 49 12.08 7.90 -0.39
N ASP A 50 12.68 9.06 -0.44
CA ASP A 50 12.78 9.82 -1.69
C ASP A 50 13.58 9.04 -2.75
N ARG A 51 14.71 8.46 -2.40
CA ARG A 51 15.59 7.84 -3.38
C ARG A 51 15.07 6.40 -3.73
N ASP A 52 14.70 5.66 -2.70
CA ASP A 52 14.24 4.29 -2.92
C ASP A 52 12.79 4.09 -3.17
N GLY A 53 11.94 5.00 -2.69
CA GLY A 53 10.48 4.80 -2.73
C GLY A 53 9.80 3.96 -1.68
N TYR A 54 10.56 3.45 -0.73
CA TYR A 54 10.01 2.70 0.40
C TYR A 54 10.99 2.88 1.63
N ILE A 55 10.47 2.78 2.85
CA ILE A 55 11.27 2.60 4.05
C ILE A 55 10.56 1.55 4.93
N VAL A 56 11.31 1.03 5.88
CA VAL A 56 10.80 0.02 6.83
C VAL A 56 10.90 0.61 8.25
N LEU A 57 9.78 0.63 8.98
CA LEU A 57 9.77 1.03 10.41
C LEU A 57 9.69 -0.21 11.23
N GLU A 58 10.66 -0.42 12.12
CA GLU A 58 10.64 -1.60 13.01
C GLU A 58 10.50 -1.19 14.49
N ASP A 59 9.92 -2.10 15.30
CA ASP A 59 9.79 -1.92 16.74
C ASP A 59 9.07 -0.66 17.11
N ILE A 60 8.08 -0.25 16.34
CA ILE A 60 7.30 0.89 16.75
C ILE A 60 6.07 0.58 17.61
N PHE A 61 5.56 -0.66 17.55
CA PHE A 61 4.38 -1.09 18.34
C PHE A 61 4.97 -2.04 19.39
N SER A 62 4.43 -2.01 20.60
CA SER A 62 4.90 -2.94 21.66
C SER A 62 4.43 -4.34 21.36
N ALA A 63 5.03 -5.37 21.98
CA ALA A 63 4.53 -6.75 21.87
C ALA A 63 3.03 -6.91 22.19
N ASP A 64 2.53 -6.21 23.19
CA ASP A 64 1.09 -6.27 23.53
C ASP A 64 0.25 -5.68 22.38
N GLU A 65 0.66 -4.54 21.85
CA GLU A 65 -0.05 -3.93 20.65
C GLU A 65 -0.11 -4.83 19.45
N VAL A 66 1.02 -5.47 19.14
CA VAL A 66 1.11 -6.44 18.01
C VAL A 66 0.18 -7.63 18.23
N ALA A 67 0.24 -8.25 19.41
CA ALA A 67 -0.64 -9.41 19.73
C ALA A 67 -2.12 -9.01 19.60
N PHE A 68 -2.43 -7.81 20.03
CA PHE A 68 -3.77 -7.29 19.91
C PHE A 68 -4.23 -7.07 18.49
N LEU A 69 -3.36 -6.51 17.64
CA LEU A 69 -3.69 -6.40 16.21
C LEU A 69 -3.84 -7.79 15.60
N GLN A 70 -2.96 -8.74 15.95
CA GLN A 70 -3.08 -10.12 15.42
C GLN A 70 -4.44 -10.78 15.76
N LYS A 71 -4.86 -10.65 17.00
CA LYS A 71 -6.16 -11.16 17.51
C LYS A 71 -7.32 -10.53 16.79
N ALA A 72 -7.33 -9.19 16.67
CA ALA A 72 -8.37 -8.53 15.91
C ALA A 72 -8.41 -9.02 14.49
N ALA A 73 -7.26 -9.12 13.81
CA ALA A 73 -7.28 -9.54 12.42
C ALA A 73 -7.79 -10.98 12.35
N GLY A 74 -7.24 -11.86 13.18
CA GLY A 74 -7.67 -13.29 13.24
C GLY A 74 -9.19 -13.47 13.38
N ASN A 75 -9.81 -12.61 14.20
CA ASN A 75 -11.25 -12.61 14.44
C ASN A 75 -12.00 -12.13 13.25
N LEU A 76 -11.45 -11.14 12.54
CA LEU A 76 -12.11 -10.68 11.31
C LEU A 76 -12.11 -11.76 10.22
N LEU A 77 -10.97 -12.45 10.09
CA LEU A 77 -10.80 -13.43 9.05
C LEU A 77 -11.65 -14.68 9.37
N ALA A 78 -11.75 -15.03 10.65
CA ALA A 78 -12.38 -16.28 11.08
C ALA A 78 -13.88 -16.06 11.11
N ASP A 79 -14.30 -14.80 11.25
CA ASP A 79 -15.73 -14.50 11.48
C ASP A 79 -16.24 -13.28 10.77
N PRO A 80 -16.44 -13.41 9.49
CA PRO A 80 -16.72 -12.29 8.64
C PRO A 80 -18.16 -11.79 8.66
N ALA A 81 -18.99 -12.24 9.60
CA ALA A 81 -20.44 -12.21 9.35
C ALA A 81 -21.01 -10.84 9.54
N ALA A 82 -20.38 -10.04 10.40
CA ALA A 82 -20.80 -8.64 10.60
C ALA A 82 -20.37 -7.73 9.45
N LEU A 83 -19.48 -8.21 8.60
CA LEU A 83 -18.91 -7.34 7.56
C LEU A 83 -19.85 -7.23 6.37
N ASP A 84 -19.71 -6.15 5.61
CA ASP A 84 -20.34 -6.06 4.31
C ASP A 84 -19.77 -7.10 3.33
N ALA A 85 -20.63 -7.97 2.79
CA ALA A 85 -20.23 -9.02 1.87
C ALA A 85 -19.55 -8.52 0.62
N ASP A 86 -19.88 -7.30 0.20
CA ASP A 86 -19.32 -6.76 -1.02
C ASP A 86 -17.84 -6.47 -0.79
N THR A 87 -17.40 -6.39 0.46
CA THR A 87 -15.98 -6.02 0.72
C THR A 87 -15.03 -7.25 0.77
N ILE A 88 -15.61 -8.45 0.61
CA ILE A 88 -14.81 -9.69 0.88
C ILE A 88 -14.37 -10.24 -0.43
N VAL A 89 -13.06 -10.54 -0.55
CA VAL A 89 -12.52 -11.22 -1.71
C VAL A 89 -12.08 -12.61 -1.27
N THR A 90 -12.58 -13.61 -1.99
CA THR A 90 -12.34 -14.98 -1.66
C THR A 90 -11.43 -15.58 -2.70
N GLU A 91 -10.83 -16.73 -2.37
CA GLU A 91 -10.15 -17.55 -3.42
C GLU A 91 -11.15 -17.78 -4.58
N PRO A 92 -10.68 -17.87 -5.84
CA PRO A 92 -11.63 -17.88 -6.98
C PRO A 92 -12.80 -18.89 -7.01
N GLN A 93 -12.58 -20.15 -6.67
CA GLN A 93 -13.69 -21.13 -6.74
C GLN A 93 -14.02 -21.60 -5.32
N SER A 94 -14.01 -20.67 -4.37
CA SER A 94 -13.99 -21.01 -2.97
C SER A 94 -14.63 -19.87 -2.13
N ASN A 95 -15.05 -20.18 -0.91
CA ASN A 95 -15.50 -19.18 0.05
C ASN A 95 -14.37 -18.79 1.05
N GLU A 96 -13.15 -19.30 0.86
CA GLU A 96 -12.02 -18.95 1.77
C GLU A 96 -11.61 -17.51 1.54
N ILE A 97 -11.56 -16.74 2.61
CA ILE A 97 -11.27 -15.28 2.53
C ILE A 97 -9.78 -15.05 2.17
N ARG A 98 -9.54 -14.17 1.22
CA ARG A 98 -8.18 -13.72 0.91
C ARG A 98 -7.94 -12.24 1.29
N SER A 99 -8.91 -11.35 0.99
CA SER A 99 -8.92 -9.92 1.41
C SER A 99 -10.29 -9.40 1.88
N ILE A 100 -10.23 -8.55 2.90
CA ILE A 100 -11.32 -7.69 3.35
C ILE A 100 -10.96 -6.19 3.14
N PHE A 101 -11.67 -5.53 2.23
CA PHE A 101 -11.50 -4.09 1.92
C PHE A 101 -12.26 -3.25 2.93
N GLU A 102 -11.89 -2.00 3.07
CA GLU A 102 -12.57 -1.06 3.98
C GLU A 102 -12.45 -1.45 5.43
N ILE A 103 -11.35 -2.10 5.78
CA ILE A 103 -11.20 -2.45 7.19
C ILE A 103 -11.14 -1.27 8.13
N HIS A 104 -10.66 -0.16 7.63
CA HIS A 104 -10.56 1.01 8.46
C HIS A 104 -11.98 1.54 8.78
N ALA A 105 -12.97 1.21 7.94
CA ALA A 105 -14.35 1.66 8.16
C ALA A 105 -15.16 0.63 8.95
N GLN A 106 -14.81 -0.67 8.89
CA GLN A 106 -15.62 -1.74 9.47
C GLN A 106 -15.12 -2.25 10.79
N SER A 107 -13.86 -1.94 11.16
CA SER A 107 -13.23 -2.50 12.34
C SER A 107 -12.67 -1.31 13.17
N PRO A 108 -13.16 -1.14 14.42
CA PRO A 108 -12.71 -0.10 15.30
C PRO A 108 -11.20 -0.18 15.61
N VAL A 109 -10.67 -1.39 15.75
CA VAL A 109 -9.22 -1.55 15.93
C VAL A 109 -8.43 -1.03 14.71
N MET A 110 -8.85 -1.45 13.49
CA MET A 110 -8.18 -1.02 12.25
C MET A 110 -8.40 0.44 11.94
N ALA A 111 -9.55 1.00 12.34
CA ALA A 111 -9.71 2.48 12.28
C ALA A 111 -8.70 3.18 13.17
N ARG A 112 -8.55 2.65 14.38
CA ARG A 112 -7.63 3.20 15.36
C ARG A 112 -6.17 3.03 14.92
N LEU A 113 -5.82 1.86 14.37
CA LEU A 113 -4.49 1.67 13.75
C LEU A 113 -4.24 2.76 12.68
N ALA A 114 -5.20 2.97 11.79
CA ALA A 114 -5.01 3.83 10.68
C ALA A 114 -4.76 5.23 11.16
N ALA A 115 -5.42 5.60 12.27
CA ALA A 115 -5.34 6.99 12.81
C ALA A 115 -4.15 7.18 13.69
N ASP A 116 -3.47 6.11 14.03
CA ASP A 116 -2.42 6.26 15.01
C ASP A 116 -1.27 7.18 14.51
N ALA A 117 -0.83 8.05 15.37
CA ALA A 117 0.20 9.02 15.07
C ALA A 117 1.51 8.38 14.52
N ARG A 118 1.85 7.20 14.97
CA ARG A 118 3.06 6.56 14.51
C ARG A 118 2.95 6.25 13.02
N LEU A 119 1.71 6.10 12.47
CA LEU A 119 1.49 5.92 11.06
C LEU A 119 1.11 7.24 10.41
N ALA A 120 0.01 7.82 10.88
CA ALA A 120 -0.59 8.96 10.18
C ALA A 120 0.29 10.25 10.12
N ASP A 121 1.07 10.56 11.16
CA ASP A 121 2.00 11.69 11.12
C ASP A 121 3.15 11.48 10.14
N VAL A 122 3.51 10.25 9.92
CA VAL A 122 4.54 9.96 8.89
C VAL A 122 3.93 10.17 7.52
N ALA A 123 2.67 9.74 7.36
CA ALA A 123 1.97 10.06 6.12
C ALA A 123 1.84 11.57 5.87
N ARG A 124 1.39 12.28 6.89
CA ARG A 124 1.16 13.72 6.74
C ARG A 124 2.49 14.41 6.39
N PHE A 125 3.60 13.99 7.01
CA PHE A 125 4.93 14.53 6.63
C PHE A 125 5.27 14.22 5.13
N LEU A 126 5.27 12.94 4.81
CA LEU A 126 5.71 12.50 3.48
C LEU A 126 4.84 13.06 2.36
N LEU A 127 3.56 13.23 2.65
CA LEU A 127 2.59 13.78 1.69
C LEU A 127 2.37 15.33 1.77
N GLY A 128 2.99 15.95 2.75
CA GLY A 128 2.97 17.39 2.96
C GLY A 128 1.57 17.93 3.06
N ASP A 129 0.69 17.28 3.81
CA ASP A 129 -0.73 17.64 3.77
C ASP A 129 -1.45 16.87 4.86
N GLU A 130 -2.64 17.30 5.23
CA GLU A 130 -3.60 16.39 5.86
C GLU A 130 -3.94 15.21 4.92
N VAL A 131 -4.33 14.10 5.50
CA VAL A 131 -4.51 12.85 4.72
C VAL A 131 -5.82 12.16 5.02
N TYR A 132 -6.25 11.26 4.15
CA TYR A 132 -7.39 10.44 4.42
C TYR A 132 -7.09 9.07 3.83
N ILE A 133 -7.91 8.09 4.21
CA ILE A 133 -7.77 6.69 3.77
C ILE A 133 -8.41 6.50 2.42
N HIS A 134 -7.58 6.33 1.38
CA HIS A 134 -8.10 6.09 0.02
C HIS A 134 -8.66 4.65 -0.09
N GLN A 135 -8.03 3.71 0.59
CA GLN A 135 -8.38 2.30 0.49
C GLN A 135 -7.71 1.66 1.64
N SER A 136 -8.29 0.58 2.17
CA SER A 136 -7.64 -0.28 3.16
C SER A 136 -7.97 -1.74 2.88
N ARG A 137 -7.12 -2.66 3.34
CA ARG A 137 -7.42 -4.10 3.11
C ARG A 137 -6.73 -4.87 4.16
N LEU A 138 -7.40 -5.91 4.64
CA LEU A 138 -6.79 -6.96 5.45
C LEU A 138 -6.60 -8.13 4.51
N ASN A 139 -5.33 -8.52 4.38
CA ASN A 139 -4.93 -9.61 3.48
C ASN A 139 -4.44 -10.84 4.22
N TYR A 140 -4.80 -12.00 3.68
CA TYR A 140 -4.35 -13.32 4.18
C TYR A 140 -4.01 -14.20 3.01
N LYS A 141 -2.78 -14.67 3.00
CA LYS A 141 -2.26 -15.47 1.87
C LYS A 141 -1.84 -16.78 2.56
N PRO A 142 -2.60 -17.85 2.35
CA PRO A 142 -2.28 -19.08 3.06
C PRO A 142 -0.95 -19.70 2.68
N GLY A 143 -0.48 -20.55 3.54
CA GLY A 143 0.60 -21.45 3.23
C GLY A 143 0.20 -22.43 2.16
N PHE A 144 1.22 -23.06 1.55
CA PHE A 144 1.08 -24.21 0.61
C PHE A 144 0.54 -23.88 -0.74
N LYS A 145 -0.56 -23.15 -0.76
CA LYS A 145 -1.09 -22.74 -2.08
C LYS A 145 -1.21 -21.21 -2.28
N GLY A 146 -0.40 -20.47 -1.53
CA GLY A 146 -0.20 -19.03 -1.78
C GLY A 146 0.09 -18.64 -3.23
N ARG A 147 -0.73 -17.73 -3.74
CA ARG A 147 -0.59 -17.23 -5.11
C ARG A 147 0.33 -16.01 -5.22
N GLU A 148 0.93 -15.88 -6.37
CA GLU A 148 1.73 -14.72 -6.71
C GLU A 148 0.83 -13.47 -6.99
N PHE A 149 1.44 -12.28 -6.86
CA PHE A 149 0.83 -11.02 -7.24
C PHE A 149 1.76 -10.36 -8.20
N TYR A 150 1.32 -10.27 -9.44
CA TYR A 150 2.25 -9.89 -10.49
C TYR A 150 2.55 -8.34 -10.35
N TRP A 151 3.70 -7.94 -10.84
CA TRP A 151 4.19 -6.56 -10.84
C TRP A 151 3.15 -5.54 -11.26
N HIS A 152 3.01 -4.50 -10.45
CA HIS A 152 2.23 -3.33 -10.82
C HIS A 152 2.65 -2.13 -9.95
N SER A 153 2.28 -0.99 -10.47
CA SER A 153 2.30 0.28 -9.78
C SER A 153 0.86 0.57 -9.36
N ASP A 154 0.59 0.68 -8.10
CA ASP A 154 -0.76 1.07 -7.67
C ASP A 154 -1.21 2.36 -8.31
N PHE A 155 -0.29 3.31 -8.51
CA PHE A 155 -0.70 4.61 -8.97
C PHE A 155 -1.30 4.53 -10.36
N GLU A 156 -0.76 3.65 -11.22
CA GLU A 156 -1.24 3.58 -12.60
C GLU A 156 -2.73 3.19 -12.61
N THR A 157 -3.12 2.26 -11.72
CA THR A 157 -4.52 1.96 -11.51
C THR A 157 -5.32 3.07 -10.85
N TRP A 158 -4.81 3.61 -9.76
CA TRP A 158 -5.52 4.67 -9.07
C TRP A 158 -5.79 5.87 -10.00
N HIS A 159 -4.86 6.18 -10.85
CA HIS A 159 -5.01 7.28 -11.76
C HIS A 159 -6.02 6.92 -12.88
N VAL A 160 -5.72 5.85 -13.62
CA VAL A 160 -6.53 5.45 -14.80
C VAL A 160 -7.94 5.08 -14.38
N GLU A 161 -8.06 4.28 -13.32
CA GLU A 161 -9.37 3.82 -12.88
C GLU A 161 -10.09 4.62 -11.81
N ASP A 162 -9.39 5.30 -10.91
CA ASP A 162 -10.08 5.96 -9.83
C ASP A 162 -10.06 7.50 -9.98
N GLY A 163 -9.28 7.99 -10.93
CA GLY A 163 -9.12 9.44 -11.16
C GLY A 163 -8.14 10.15 -10.25
N MET A 164 -7.17 9.42 -9.66
CA MET A 164 -6.22 10.08 -8.73
C MET A 164 -5.31 10.83 -9.60
N PRO A 165 -5.25 12.18 -9.44
CA PRO A 165 -4.49 12.96 -10.44
C PRO A 165 -3.01 12.91 -10.34
N ARG A 166 -2.47 12.92 -9.11
CA ARG A 166 -1.05 13.17 -8.88
C ARG A 166 -0.42 12.06 -7.99
N MET A 167 0.91 11.92 -8.07
CA MET A 167 1.60 10.93 -7.20
C MET A 167 1.81 11.55 -5.85
N ARG A 168 0.80 11.47 -5.01
CA ARG A 168 0.82 12.09 -3.69
C ARG A 168 0.03 11.22 -2.70
N ALA A 169 0.28 9.92 -2.81
CA ALA A 169 -0.29 8.90 -1.95
C ALA A 169 0.76 7.89 -1.59
N LEU A 170 0.53 7.22 -0.46
CA LEU A 170 1.42 6.13 -0.11
C LEU A 170 0.71 5.00 0.58
N SER A 171 1.34 3.82 0.51
CA SER A 171 0.78 2.65 1.19
C SER A 171 1.62 2.25 2.37
N MET A 172 0.94 1.85 3.42
CA MET A 172 1.63 1.16 4.52
C MET A 172 1.14 -0.28 4.76
N SER A 173 2.10 -1.25 4.78
CA SER A 173 1.80 -2.65 5.05
C SER A 173 2.26 -2.95 6.47
N VAL A 174 1.33 -3.18 7.41
CA VAL A 174 1.70 -3.58 8.78
C VAL A 174 1.67 -5.10 8.83
N LEU A 175 2.83 -5.70 9.01
CA LEU A 175 2.94 -7.18 8.98
C LEU A 175 2.31 -7.81 10.23
N LEU A 176 1.44 -8.78 10.03
CA LEU A 176 0.72 -9.45 11.14
C LEU A 176 1.13 -10.90 11.28
N ALA A 177 1.85 -11.40 10.30
CA ALA A 177 2.51 -12.69 10.35
C ALA A 177 3.85 -12.38 9.78
N GLU A 178 4.86 -13.04 10.33
CA GLU A 178 6.26 -12.89 9.88
C GLU A 178 6.41 -13.07 8.38
N ASN A 179 7.15 -12.13 7.78
CA ASN A 179 7.69 -12.32 6.44
C ASN A 179 9.15 -12.70 6.43
N THR A 180 9.43 -13.85 5.77
CA THR A 180 10.76 -14.39 5.64
C THR A 180 11.15 -14.29 4.20
N PRO A 181 12.37 -14.70 3.92
CA PRO A 181 12.70 -14.66 2.51
C PRO A 181 11.87 -15.70 1.68
N HIS A 182 11.21 -16.66 2.35
CA HIS A 182 10.71 -17.88 1.66
C HIS A 182 9.24 -17.94 1.41
N ASN A 183 8.45 -17.12 2.13
CA ASN A 183 6.99 -17.23 2.02
C ASN A 183 6.34 -16.20 1.08
N GLY A 184 7.07 -15.82 0.05
CA GLY A 184 6.57 -14.81 -0.90
C GLY A 184 6.36 -13.42 -0.29
N PRO A 185 7.38 -12.82 0.32
CA PRO A 185 7.26 -11.41 0.78
C PRO A 185 7.10 -10.43 -0.38
N LEU A 186 6.62 -9.24 -0.07
CA LEU A 186 6.60 -8.14 -1.01
C LEU A 186 8.02 -7.85 -1.55
N MET A 187 8.12 -7.75 -2.87
CA MET A 187 9.33 -7.40 -3.55
C MET A 187 9.04 -6.06 -4.23
N VAL A 188 10.03 -5.19 -4.21
CA VAL A 188 9.96 -3.90 -4.86
C VAL A 188 11.16 -3.74 -5.74
N ILE A 189 11.01 -2.90 -6.76
CA ILE A 189 12.16 -2.43 -7.55
C ILE A 189 12.53 -1.00 -7.07
N PRO A 190 13.61 -0.87 -6.27
CA PRO A 190 13.85 0.44 -5.64
C PRO A 190 14.22 1.54 -6.67
N GLY A 191 13.68 2.73 -6.50
CA GLY A 191 13.87 3.79 -7.48
C GLY A 191 12.91 3.76 -8.65
N SER A 192 12.11 2.73 -8.76
CA SER A 192 11.16 2.61 -9.84
C SER A 192 10.01 3.58 -9.78
N HIS A 193 9.78 4.09 -8.61
CA HIS A 193 8.78 5.15 -8.43
C HIS A 193 9.01 6.49 -9.17
N ARG A 194 10.23 6.71 -9.64
CA ARG A 194 10.54 7.89 -10.36
C ARG A 194 10.31 7.74 -11.85
N THR A 195 9.80 6.58 -12.28
CA THR A 195 9.35 6.35 -13.68
C THR A 195 7.92 5.93 -13.70
N TYR A 196 7.13 6.62 -14.52
CA TYR A 196 5.78 6.21 -14.72
C TYR A 196 5.78 5.29 -15.96
N LEU A 197 5.49 4.01 -15.76
CA LEU A 197 5.49 3.04 -16.88
C LEU A 197 4.07 2.95 -17.41
N THR A 198 3.81 3.55 -18.60
CA THR A 198 2.48 3.47 -19.15
C THR A 198 2.26 2.01 -19.51
N CYS A 199 1.02 1.57 -19.39
CA CYS A 199 0.60 0.24 -19.80
C CYS A 199 -0.16 0.40 -21.15
N VAL A 200 -0.18 -0.67 -21.96
CA VAL A 200 -0.68 -0.62 -23.33
C VAL A 200 -2.19 -0.49 -23.37
N GLY A 218 -3.73 -2.95 -18.50
CA GLY A 218 -3.07 -2.40 -17.29
C GLY A 218 -2.02 -3.29 -16.62
N VAL A 219 -1.30 -4.07 -17.41
CA VAL A 219 -0.19 -4.91 -16.92
C VAL A 219 1.08 -4.41 -17.54
N PRO A 220 2.05 -3.97 -16.71
CA PRO A 220 3.32 -3.54 -17.30
C PRO A 220 4.01 -4.62 -18.10
N ASP A 221 4.76 -4.18 -19.11
CA ASP A 221 5.33 -5.06 -20.09
C ASP A 221 6.72 -5.64 -19.69
N GLU A 222 7.00 -6.83 -20.17
CA GLU A 222 8.20 -7.55 -19.78
C GLU A 222 9.48 -6.83 -20.01
N GLU A 223 9.59 -6.20 -21.14
CA GLU A 223 10.87 -5.54 -21.47
C GLU A 223 11.13 -4.35 -20.56
N SER A 224 10.09 -3.58 -20.29
CA SER A 224 10.32 -2.43 -19.40
C SER A 224 10.60 -2.93 -17.97
N LEU A 225 9.91 -3.96 -17.49
CA LEU A 225 10.23 -4.56 -16.17
C LEU A 225 11.67 -5.09 -16.10
N ALA A 226 12.15 -5.78 -17.17
CA ALA A 226 13.55 -6.21 -17.22
C ALA A 226 14.46 -5.04 -17.18
N GLU A 227 14.13 -3.96 -17.89
CA GLU A 227 14.98 -2.79 -17.85
C GLU A 227 15.01 -2.14 -16.44
N LEU A 228 13.86 -1.96 -15.80
CA LEU A 228 13.84 -1.44 -14.42
C LEU A 228 14.66 -2.30 -13.43
N ALA A 229 14.43 -3.59 -13.47
CA ALA A 229 15.10 -4.50 -12.58
C ALA A 229 16.61 -4.58 -12.77
N HIS A 230 17.07 -4.52 -14.00
CA HIS A 230 18.55 -4.50 -14.30
C HIS A 230 19.14 -3.20 -13.81
N ARG A 231 18.47 -2.10 -14.04
CA ARG A 231 18.96 -0.85 -13.53
C ARG A 231 18.94 -0.77 -12.00
N HIS A 232 17.86 -1.22 -11.36
CA HIS A 232 17.71 -0.95 -9.90
C HIS A 232 17.81 -2.16 -8.96
N GLY A 233 17.76 -3.36 -9.51
CA GLY A 233 17.76 -4.53 -8.66
C GLY A 233 16.37 -4.76 -8.06
N ILE A 234 16.30 -5.80 -7.25
CA ILE A 234 15.10 -6.13 -6.51
C ILE A 234 15.41 -6.27 -5.02
N VAL A 235 14.49 -5.82 -4.18
CA VAL A 235 14.63 -5.99 -2.73
C VAL A 235 13.31 -6.53 -2.14
N ALA A 236 13.37 -7.33 -1.10
CA ALA A 236 12.18 -7.91 -0.50
C ALA A 236 12.26 -7.68 0.98
N PRO A 237 11.73 -6.54 1.46
CA PRO A 237 11.76 -6.27 2.87
C PRO A 237 11.07 -7.37 3.70
N THR A 238 11.67 -7.72 4.82
CA THR A 238 11.16 -8.80 5.67
C THR A 238 11.04 -8.21 7.05
N GLY A 239 10.38 -8.93 7.93
CA GLY A 239 10.29 -8.51 9.30
C GLY A 239 9.32 -9.30 10.12
N LYS A 240 9.39 -9.09 11.42
CA LYS A 240 8.46 -9.76 12.34
C LYS A 240 7.14 -8.98 12.38
N PRO A 241 6.11 -9.64 12.88
CA PRO A 241 4.84 -8.97 12.99
C PRO A 241 4.97 -7.61 13.70
N GLY A 242 4.24 -6.61 13.19
CA GLY A 242 4.34 -5.26 13.73
C GLY A 242 5.26 -4.33 12.93
N THR A 243 6.15 -4.91 12.14
CA THR A 243 6.97 -4.18 11.12
C THR A 243 6.09 -3.51 10.09
N VAL A 244 6.43 -2.26 9.73
CA VAL A 244 5.65 -1.50 8.76
C VAL A 244 6.48 -1.18 7.58
N ILE A 245 5.99 -1.55 6.41
CA ILE A 245 6.69 -1.33 5.14
C ILE A 245 5.92 -0.20 4.48
N LEU A 246 6.59 0.94 4.25
CA LEU A 246 5.87 2.11 3.68
C LEU A 246 6.36 2.29 2.24
N PHE A 247 5.44 2.46 1.31
CA PHE A 247 5.88 2.65 -0.09
C PHE A 247 5.06 3.64 -0.88
N ASP A 248 5.79 4.40 -1.73
CA ASP A 248 5.22 5.38 -2.62
C ASP A 248 4.21 4.72 -3.55
N CYS A 249 3.14 5.46 -3.82
CA CYS A 249 2.10 5.00 -4.71
C CYS A 249 2.52 4.46 -6.08
N ASN A 250 3.64 4.95 -6.61
CA ASN A 250 4.07 4.55 -7.91
C ASN A 250 5.24 3.54 -7.93
N LEU A 251 5.60 3.00 -6.77
CA LEU A 251 6.68 2.05 -6.74
C LEU A 251 6.26 0.68 -7.34
N MET A 252 7.10 0.14 -8.19
CA MET A 252 6.79 -1.14 -8.92
C MET A 252 7.03 -2.29 -7.98
N HIS A 253 5.98 -3.09 -7.74
CA HIS A 253 6.10 -4.11 -6.74
C HIS A 253 5.23 -5.33 -7.05
N GLY A 254 5.50 -6.38 -6.33
CA GLY A 254 4.76 -7.69 -6.55
C GLY A 254 5.28 -8.76 -5.60
N SER A 255 4.73 -9.99 -5.68
CA SER A 255 5.25 -11.08 -4.85
C SER A 255 5.16 -12.40 -5.55
N ASN A 256 6.13 -13.29 -5.22
CA ASN A 256 6.03 -14.68 -5.69
C ASN A 256 4.98 -15.39 -4.90
N GLY A 257 4.59 -16.58 -5.34
CA GLY A 257 3.67 -17.35 -4.54
C GLY A 257 4.34 -17.95 -3.29
N ASN A 258 3.62 -18.84 -2.58
CA ASN A 258 4.09 -19.36 -1.30
C ASN A 258 3.66 -20.83 -1.17
N ILE A 259 4.63 -21.73 -1.31
CA ILE A 259 4.41 -23.16 -1.06
C ILE A 259 4.78 -23.49 0.35
N THR A 260 5.38 -22.55 1.08
CA THR A 260 5.68 -22.84 2.48
C THR A 260 4.48 -23.03 3.35
N PRO A 261 4.66 -23.75 4.46
CA PRO A 261 3.55 -23.83 5.39
C PRO A 261 3.26 -22.51 6.09
N PHE A 262 4.02 -21.46 5.86
CA PHE A 262 3.92 -20.29 6.73
C PHE A 262 3.09 -19.19 6.02
N PRO A 263 1.92 -18.80 6.59
CA PRO A 263 1.00 -17.83 5.98
C PRO A 263 1.59 -16.41 5.98
N ARG A 264 1.07 -15.57 5.13
CA ARG A 264 1.37 -14.13 5.17
C ARG A 264 0.10 -13.41 5.46
N ALA A 265 0.18 -12.39 6.30
CA ALA A 265 -0.99 -11.62 6.65
C ALA A 265 -0.53 -10.17 6.96
N ASN A 266 -1.25 -9.20 6.43
CA ASN A 266 -0.96 -7.83 6.67
C ASN A 266 -2.20 -7.02 6.59
N ALA A 267 -2.13 -5.87 7.26
CA ALA A 267 -3.08 -4.79 7.10
C ALA A 267 -2.44 -3.74 6.18
N PHE A 268 -3.11 -3.40 5.09
CA PHE A 268 -2.64 -2.50 4.08
C PHE A 268 -3.47 -1.22 4.18
N LEU A 269 -2.82 -0.09 4.45
CA LEU A 269 -3.50 1.22 4.57
C LEU A 269 -2.98 2.16 3.50
N VAL A 270 -3.85 2.71 2.65
CA VAL A 270 -3.46 3.69 1.68
C VAL A 270 -3.86 5.08 2.14
N TYR A 271 -2.85 5.93 2.34
CA TYR A 271 -3.05 7.35 2.73
C TYR A 271 -2.93 8.19 1.48
N ASN A 272 -3.90 9.06 1.25
CA ASN A 272 -3.84 10.05 0.20
C ASN A 272 -3.89 11.49 0.78
N ALA A 273 -3.23 12.46 0.14
CA ALA A 273 -3.34 13.84 0.58
C ALA A 273 -4.78 14.30 0.27
N VAL A 274 -5.38 15.03 1.20
CA VAL A 274 -6.76 15.59 0.94
C VAL A 274 -6.81 16.49 -0.31
N SER A 275 -5.74 17.20 -0.63
CA SER A 275 -5.60 17.99 -1.85
C SER A 275 -5.42 17.15 -3.16
N ASN A 276 -5.15 15.87 -3.06
CA ASN A 276 -5.04 15.00 -4.25
C ASN A 276 -6.31 14.17 -4.45
N ARG A 277 -7.47 14.73 -4.11
CA ARG A 277 -8.72 13.96 -4.03
C ARG A 277 -9.11 13.56 -5.45
N LEU A 278 -9.87 12.47 -5.56
CA LEU A 278 -10.08 11.84 -6.83
C LEU A 278 -10.93 12.72 -7.79
N GLU A 279 -10.59 12.67 -9.07
CA GLU A 279 -11.44 13.22 -10.15
C GLU A 279 -12.15 12.10 -10.91
N LYS A 280 -12.75 12.44 -12.06
CA LYS A 280 -13.21 11.42 -13.02
C LYS A 280 -12.00 10.53 -13.39
N PRO A 281 -12.20 9.21 -13.53
CA PRO A 281 -11.11 8.28 -14.02
C PRO A 281 -10.39 8.77 -15.30
N PHE A 282 -9.05 8.66 -15.36
CA PHE A 282 -8.33 9.05 -16.59
C PHE A 282 -8.30 7.88 -17.64
N GLY A 283 -9.50 7.43 -18.01
CA GLY A 283 -9.80 6.27 -18.89
C GLY A 283 -11.33 6.15 -18.91
N VAL A 284 -11.90 4.95 -18.97
CA VAL A 284 -13.30 4.75 -18.51
C VAL A 284 -13.37 3.58 -17.52
N GLU A 285 -12.22 3.26 -16.93
CA GLU A 285 -12.01 2.00 -16.23
C GLU A 285 -11.88 2.26 -14.73
N ARG A 288 -14.64 2.58 -10.34
CA ARG A 288 -14.95 1.20 -9.98
C ARG A 288 -15.69 1.16 -8.63
N PRO A 289 -16.07 -0.05 -8.12
CA PRO A 289 -16.91 -0.14 -6.89
C PRO A 289 -16.48 0.75 -5.73
N TRP A 290 -17.48 1.25 -5.00
CA TRP A 290 -17.35 1.82 -3.65
C TRP A 290 -16.00 1.55 -2.96
N PHE A 291 -15.76 0.27 -2.70
CA PHE A 291 -14.82 -0.19 -1.66
C PHE A 291 -13.32 -0.24 -2.11
N LEU A 292 -13.08 -0.07 -3.42
CA LEU A 292 -11.71 -0.06 -3.96
C LEU A 292 -11.08 1.31 -3.83
N ALA A 293 -11.92 2.36 -3.72
CA ALA A 293 -11.47 3.74 -3.84
C ALA A 293 -12.51 4.70 -3.30
N ARG A 294 -12.14 5.48 -2.28
CA ARG A 294 -13.06 6.47 -1.69
C ARG A 294 -13.23 7.71 -2.60
N ARG A 295 -14.44 7.85 -3.19
CA ARG A 295 -14.72 8.88 -4.21
C ARG A 295 -15.29 10.17 -3.63
N GLU A 297 -14.93 15.17 -2.03
CA GLU A 297 -14.52 15.90 -0.84
C GLU A 297 -14.43 14.96 0.37
N PRO A 298 -13.25 14.36 0.57
CA PRO A 298 -13.01 13.54 1.76
C PRO A 298 -12.49 14.44 2.89
N ALA A 299 -12.85 14.15 4.13
CA ALA A 299 -12.39 14.92 5.28
C ALA A 299 -11.11 14.29 5.79
N ALA A 300 -10.34 15.10 6.49
CA ALA A 300 -9.05 14.74 7.05
C ALA A 300 -9.18 13.73 8.17
N LEU A 301 -8.37 12.68 8.09
CA LEU A 301 -8.17 11.76 9.16
C LEU A 301 -7.76 12.49 10.46
N ARG A 302 -8.37 12.18 11.59
CA ARG A 302 -7.99 12.82 12.88
C ARG A 302 -6.97 11.91 13.49
N VAL A 303 -5.82 12.42 13.92
CA VAL A 303 -4.77 11.60 14.46
C VAL A 303 -4.95 11.26 15.94
N GLU A 304 -4.70 10.00 16.31
CA GLU A 304 -4.78 9.60 17.73
C GLU A 304 -3.42 9.28 18.27
N ARG A 305 -3.17 9.66 19.50
CA ARG A 305 -1.89 9.43 20.15
C ARG A 305 -2.17 8.47 21.33
N GLY A 306 -1.18 7.67 21.69
CA GLY A 306 -1.28 6.70 22.76
C GLY A 306 -1.28 5.25 22.29
N PRO A 307 -1.18 4.32 23.25
CA PRO A 307 -1.10 2.90 22.91
C PRO A 307 -2.41 2.43 22.32
N LEU A 308 -2.34 1.36 21.54
CA LEU A 308 -3.56 0.80 20.98
C LEU A 308 -4.31 0.02 22.05
N VAL A 309 -3.65 -0.34 23.14
CA VAL A 309 -4.30 -1.12 24.19
C VAL A 309 -3.44 -1.07 25.46
#